data_1ESC
#
_entry.id   1ESC
#
_cell.length_a   131.025
_cell.length_b   48.501
_cell.length_c   70.307
_cell.angle_alpha   90.00
_cell.angle_beta   118.09
_cell.angle_gamma   90.00
#
_symmetry.space_group_name_H-M   'C 1 2 1'
#
loop_
_entity.id
_entity.type
_entity.pdbx_description
1 polymer ESTERASE
2 water water
#
_entity_poly.entity_id   1
_entity_poly.type   'polypeptide(L)'
_entity_poly.pdbx_seq_one_letter_code
;APADPVPTVFFGDSYTANFGIAPVTNQDSERGWCFQAKENYPAVATRSLADKGITLDVQADVSCGGALIHHFWEKQELPF
GAGELPPQQDALKQDTQLTVGSLGGNTLGFNRILKQCSDELRKPSLLPGDPVDGDEPAAKCGEFFGTGDGKQWLDDQFER
VGAELEELLDRIGYFAPDAKRVLVGYPRLVPEDTTKCLTAAPGQTQLPFADIPQDALPVLDQIQKRLNDAMKKAAADGGA
DFVDLYAGTGANTACDGADRGIGGLLEDSQLELLGTKIPWYAHPNDKGRDIQAKQVADKIEEILNR
;
_entity_poly.pdbx_strand_id   A
#
# COMPACT_ATOMS: atom_id res chain seq x y z
N ASP A 4 -18.03 -15.46 -19.12
CA ASP A 4 -18.83 -14.30 -18.67
C ASP A 4 -17.84 -13.27 -18.12
N PRO A 5 -17.89 -12.13 -18.76
CA PRO A 5 -17.02 -11.03 -18.30
C PRO A 5 -17.53 -10.65 -16.91
N VAL A 6 -16.72 -10.27 -15.98
CA VAL A 6 -17.07 -9.82 -14.62
C VAL A 6 -16.49 -8.40 -14.65
N PRO A 7 -17.34 -7.42 -14.87
CA PRO A 7 -16.86 -6.03 -14.94
C PRO A 7 -16.14 -5.68 -13.63
N THR A 8 -14.89 -5.26 -13.65
CA THR A 8 -14.14 -4.98 -12.42
C THR A 8 -13.44 -3.66 -12.33
N VAL A 9 -13.36 -3.05 -11.17
CA VAL A 9 -12.64 -1.76 -11.03
C VAL A 9 -11.55 -2.04 -9.98
N PHE A 10 -10.34 -1.62 -10.24
CA PHE A 10 -9.19 -1.79 -9.32
C PHE A 10 -8.95 -0.35 -8.85
N PHE A 11 -8.65 -0.17 -7.57
CA PHE A 11 -8.47 1.19 -7.02
C PHE A 11 -7.41 1.04 -5.95
N GLY A 12 -6.97 2.16 -5.41
CA GLY A 12 -5.97 2.06 -4.34
C GLY A 12 -4.81 3.04 -4.40
N ASP A 13 -3.87 2.80 -3.52
CA ASP A 13 -2.66 3.52 -3.22
C ASP A 13 -1.43 2.81 -3.78
N SER A 14 -0.24 3.16 -3.32
CA SER A 14 1.02 2.59 -3.85
C SER A 14 1.14 1.09 -3.72
N TYR A 15 0.38 0.46 -2.83
CA TYR A 15 0.47 -1.00 -2.66
C TYR A 15 -0.40 -1.72 -3.69
N THR A 16 -1.17 -1.03 -4.51
CA THR A 16 -1.98 -1.63 -5.58
C THR A 16 -1.41 -1.23 -6.95
N ALA A 17 -0.88 0.00 -6.93
CA ALA A 17 -0.24 0.59 -8.12
C ALA A 17 1.12 -0.11 -8.26
N ASN A 18 1.71 -0.60 -7.20
CA ASN A 18 2.96 -1.32 -7.09
C ASN A 18 4.15 -0.43 -7.49
N PHE A 19 4.26 0.63 -6.72
CA PHE A 19 5.33 1.61 -6.82
C PHE A 19 6.64 0.80 -6.72
N GLY A 20 7.50 1.07 -7.67
CA GLY A 20 8.80 0.42 -7.75
C GLY A 20 8.89 -0.56 -8.91
N ILE A 21 7.75 -1.10 -9.33
CA ILE A 21 7.82 -2.07 -10.46
C ILE A 21 7.72 -1.24 -11.73
N ALA A 22 8.59 -1.56 -12.67
CA ALA A 22 8.65 -0.88 -13.97
C ALA A 22 8.59 -1.97 -15.04
N PRO A 23 8.08 -1.65 -16.22
CA PRO A 23 7.60 -0.36 -16.65
C PRO A 23 6.29 0.12 -16.05
N VAL A 24 6.17 1.43 -16.00
CA VAL A 24 4.96 2.14 -15.52
C VAL A 24 3.93 2.30 -16.62
N THR A 25 2.65 2.37 -16.33
CA THR A 25 1.58 2.59 -17.33
C THR A 25 1.53 4.12 -17.47
N ASN A 26 1.05 4.60 -18.60
CA ASN A 26 0.98 6.05 -18.88
C ASN A 26 2.28 6.83 -18.65
N GLN A 27 3.46 6.31 -18.93
CA GLN A 27 4.80 6.84 -18.74
C GLN A 27 4.92 8.35 -19.02
N ASP A 28 4.34 8.70 -20.11
CA ASP A 28 4.29 9.97 -20.81
C ASP A 28 3.05 10.81 -20.71
N SER A 29 2.24 10.63 -19.72
CA SER A 29 1.00 11.43 -19.58
C SER A 29 0.90 11.82 -18.10
N GLU A 30 -0.19 12.48 -17.77
CA GLU A 30 -0.39 12.93 -16.39
C GLU A 30 -0.24 11.83 -15.34
N ARG A 31 -0.85 10.69 -15.57
CA ARG A 31 -0.85 9.54 -14.67
C ARG A 31 0.45 8.77 -14.52
N GLY A 32 1.52 9.30 -15.07
CA GLY A 32 2.86 8.70 -14.96
C GLY A 32 3.29 8.84 -13.49
N TRP A 33 2.83 9.92 -12.85
CA TRP A 33 3.08 10.27 -11.48
C TRP A 33 2.31 9.40 -10.50
N CYS A 34 1.56 8.44 -10.98
CA CYS A 34 0.83 7.49 -10.16
C CYS A 34 1.76 6.32 -9.85
N PHE A 35 2.78 6.19 -10.70
CA PHE A 35 3.78 5.12 -10.64
C PHE A 35 3.11 3.75 -10.61
N GLN A 36 2.09 3.59 -11.44
CA GLN A 36 1.29 2.37 -11.56
C GLN A 36 1.99 1.45 -12.56
N ALA A 37 2.52 0.37 -12.01
CA ALA A 37 3.20 -0.59 -12.87
C ALA A 37 2.16 -1.24 -13.77
N LYS A 38 2.67 -1.59 -14.92
CA LYS A 38 2.00 -2.29 -16.00
C LYS A 38 1.64 -3.70 -15.47
N GLU A 39 2.61 -4.21 -14.68
CA GLU A 39 2.43 -5.52 -14.06
C GLU A 39 2.20 -5.43 -12.53
N ASN A 40 1.18 -4.70 -12.09
CA ASN A 40 0.87 -4.59 -10.64
C ASN A 40 0.10 -5.84 -10.28
N TYR A 41 -0.21 -6.08 -9.03
CA TYR A 41 -0.96 -7.29 -8.61
C TYR A 41 -2.26 -7.40 -9.38
N PRO A 42 -3.07 -6.36 -9.57
CA PRO A 42 -4.28 -6.44 -10.42
C PRO A 42 -4.01 -7.04 -11.79
N ALA A 43 -2.98 -6.64 -12.53
CA ALA A 43 -2.63 -7.18 -13.87
C ALA A 43 -2.40 -8.69 -13.81
N VAL A 44 -1.51 -9.08 -12.93
CA VAL A 44 -1.10 -10.47 -12.69
C VAL A 44 -2.28 -11.25 -12.18
N ALA A 45 -3.09 -10.72 -11.28
CA ALA A 45 -4.27 -11.50 -10.78
C ALA A 45 -5.19 -11.75 -11.96
N THR A 46 -5.51 -10.82 -12.82
CA THR A 46 -6.40 -11.06 -13.98
C THR A 46 -5.94 -12.22 -14.83
N ARG A 47 -4.68 -12.28 -15.21
CA ARG A 47 -3.96 -13.32 -15.95
C ARG A 47 -4.25 -14.69 -15.31
N SER A 48 -3.74 -14.91 -14.11
CA SER A 48 -3.93 -16.13 -13.32
C SER A 48 -5.40 -16.60 -13.33
N LEU A 49 -6.26 -15.64 -13.01
CA LEU A 49 -7.70 -15.96 -12.96
C LEU A 49 -8.15 -16.40 -14.36
N ALA A 50 -7.71 -15.71 -15.39
CA ALA A 50 -8.12 -16.06 -16.75
C ALA A 50 -7.85 -17.53 -16.99
N ASP A 51 -6.63 -18.00 -16.75
CA ASP A 51 -6.34 -19.42 -17.00
C ASP A 51 -6.94 -20.39 -15.99
N LYS A 52 -7.79 -19.97 -15.08
CA LYS A 52 -8.49 -20.83 -14.16
C LYS A 52 -9.98 -20.66 -14.60
N GLY A 53 -10.14 -19.98 -15.72
CA GLY A 53 -11.41 -19.63 -16.30
C GLY A 53 -12.30 -18.49 -15.80
N ILE A 54 -11.79 -17.63 -14.93
CA ILE A 54 -12.51 -16.46 -14.38
C ILE A 54 -12.10 -15.32 -15.31
N THR A 55 -13.07 -14.72 -15.96
CA THR A 55 -12.83 -13.64 -16.92
C THR A 55 -13.37 -12.30 -16.42
N LEU A 56 -12.40 -11.54 -15.96
CA LEU A 56 -12.61 -10.21 -15.42
C LEU A 56 -12.63 -9.23 -16.58
N ASP A 57 -13.65 -8.39 -16.66
CA ASP A 57 -13.56 -7.39 -17.78
C ASP A 57 -13.14 -6.17 -16.95
N VAL A 58 -11.88 -5.85 -16.98
CA VAL A 58 -11.33 -4.71 -16.24
C VAL A 58 -11.74 -3.40 -16.89
N GLN A 59 -12.55 -2.68 -16.16
CA GLN A 59 -13.08 -1.38 -16.60
C GLN A 59 -12.18 -0.23 -16.25
N ALA A 60 -11.34 -0.28 -15.24
CA ALA A 60 -10.47 0.84 -14.87
C ALA A 60 -9.49 0.32 -13.84
N ASP A 61 -8.30 0.85 -13.74
CA ASP A 61 -7.37 0.39 -12.68
C ASP A 61 -6.92 1.83 -12.38
N VAL A 62 -7.47 2.39 -11.33
CA VAL A 62 -7.17 3.79 -11.00
C VAL A 62 -6.34 3.88 -9.73
N SER A 63 -5.65 2.82 -9.40
CA SER A 63 -4.75 2.91 -8.21
C SER A 63 -3.69 3.97 -8.56
N CYS A 64 -3.11 4.60 -7.55
CA CYS A 64 -2.12 5.64 -7.80
C CYS A 64 -1.31 5.82 -6.53
N GLY A 65 -0.01 6.00 -6.73
CA GLY A 65 0.84 6.22 -5.56
C GLY A 65 0.37 7.47 -4.80
N GLY A 66 0.56 7.35 -3.47
CA GLY A 66 0.21 8.46 -2.57
C GLY A 66 -1.26 8.69 -2.31
N ALA A 67 -2.17 7.91 -2.85
CA ALA A 67 -3.60 8.08 -2.62
C ALA A 67 -3.97 7.87 -1.16
N LEU A 68 -4.74 8.82 -0.64
CA LEU A 68 -5.27 8.72 0.74
C LEU A 68 -6.66 8.10 0.58
N ILE A 69 -7.28 7.70 1.68
CA ILE A 69 -8.64 7.12 1.60
C ILE A 69 -9.62 8.08 0.90
N HIS A 70 -9.64 9.34 1.32
CA HIS A 70 -10.54 10.36 0.80
C HIS A 70 -10.33 10.78 -0.64
N HIS A 71 -9.30 10.25 -1.32
CA HIS A 71 -9.00 10.48 -2.72
C HIS A 71 -9.93 9.60 -3.58
N PHE A 72 -10.70 8.80 -2.87
CA PHE A 72 -11.70 7.93 -3.43
C PHE A 72 -12.84 8.89 -3.80
N TRP A 73 -13.01 9.92 -2.96
CA TRP A 73 -14.09 10.87 -3.23
C TRP A 73 -13.57 12.28 -3.45
N GLU A 74 -12.29 12.52 -3.45
CA GLU A 74 -11.76 13.86 -3.71
C GLU A 74 -10.72 13.84 -4.80
N LYS A 75 -10.35 14.95 -5.41
CA LYS A 75 -9.32 15.01 -6.46
C LYS A 75 -7.91 14.86 -5.88
N GLN A 76 -7.19 13.96 -6.50
CA GLN A 76 -5.80 13.80 -6.05
C GLN A 76 -4.90 14.75 -6.84
N GLU A 77 -4.10 15.48 -6.09
CA GLU A 77 -3.12 16.40 -6.66
C GLU A 77 -1.81 15.67 -6.89
N LEU A 78 -1.33 15.43 -8.09
CA LEU A 78 -0.03 14.76 -8.28
C LEU A 78 1.15 15.70 -8.02
N PRO A 79 2.31 15.12 -7.78
CA PRO A 79 3.54 15.87 -7.55
C PRO A 79 3.88 16.77 -8.73
N PHE A 80 4.50 17.85 -8.29
CA PHE A 80 5.07 18.98 -8.99
C PHE A 80 4.17 19.76 -9.93
N GLY A 81 2.89 19.48 -10.05
CA GLY A 81 1.96 20.27 -10.89
C GLY A 81 1.45 19.55 -12.11
N ALA A 82 1.66 18.23 -11.96
CA ALA A 82 1.30 17.27 -13.01
C ALA A 82 -0.15 17.58 -13.34
N GLY A 83 -0.89 17.50 -12.23
CA GLY A 83 -2.33 17.78 -12.33
C GLY A 83 -3.00 17.17 -11.09
N GLU A 84 -4.31 17.22 -11.26
CA GLU A 84 -5.32 16.81 -10.33
C GLU A 84 -6.04 15.66 -11.04
N LEU A 85 -6.12 14.55 -10.34
CA LEU A 85 -6.82 13.38 -10.89
C LEU A 85 -8.24 13.42 -10.31
N PRO A 86 -9.17 12.83 -11.05
CA PRO A 86 -10.54 12.78 -10.57
C PRO A 86 -10.65 11.81 -9.41
N PRO A 87 -11.66 11.99 -8.58
CA PRO A 87 -11.90 11.07 -7.49
C PRO A 87 -11.85 9.65 -8.03
N GLN A 88 -11.29 8.72 -7.26
CA GLN A 88 -11.31 7.32 -7.82
C GLN A 88 -12.74 6.79 -7.93
N GLN A 89 -13.73 7.20 -7.17
CA GLN A 89 -15.12 6.71 -7.23
C GLN A 89 -15.73 6.85 -8.62
N ASP A 90 -15.24 7.83 -9.36
CA ASP A 90 -15.65 8.12 -10.71
C ASP A 90 -15.43 6.96 -11.68
N ALA A 91 -14.62 5.97 -11.40
CA ALA A 91 -14.36 4.82 -12.24
C ALA A 91 -15.46 3.75 -12.13
N LEU A 92 -16.23 3.85 -11.06
CA LEU A 92 -17.33 2.92 -10.84
C LEU A 92 -18.51 3.18 -11.81
N LYS A 93 -19.18 2.11 -12.16
CA LYS A 93 -20.37 2.11 -13.01
C LYS A 93 -21.41 1.25 -12.27
N GLN A 94 -22.66 1.47 -12.60
CA GLN A 94 -23.75 0.71 -12.00
C GLN A 94 -23.61 -0.76 -12.27
N ASP A 95 -23.09 -1.07 -13.46
CA ASP A 95 -22.89 -2.48 -13.82
C ASP A 95 -21.59 -3.06 -13.25
N THR A 96 -20.73 -2.31 -12.60
CA THR A 96 -19.50 -2.83 -11.98
C THR A 96 -19.90 -3.90 -10.96
N GLN A 97 -19.36 -5.09 -11.04
CA GLN A 97 -19.64 -6.23 -10.15
C GLN A 97 -18.50 -6.58 -9.18
N LEU A 98 -17.31 -6.00 -9.42
CA LEU A 98 -16.17 -6.32 -8.54
C LEU A 98 -15.22 -5.14 -8.37
N THR A 99 -14.98 -4.80 -7.11
CA THR A 99 -14.08 -3.70 -6.75
C THR A 99 -13.05 -4.20 -5.71
N VAL A 100 -11.79 -4.05 -6.09
CA VAL A 100 -10.62 -4.51 -5.34
C VAL A 100 -9.54 -3.44 -5.21
N GLY A 101 -9.01 -3.18 -4.02
CA GLY A 101 -7.94 -2.16 -3.89
C GLY A 101 -7.53 -2.13 -2.43
N SER A 102 -6.53 -1.38 -2.13
CA SER A 102 -5.96 -1.19 -0.79
C SER A 102 -6.01 0.32 -0.62
N LEU A 103 -6.61 0.83 0.44
CA LEU A 103 -6.67 2.28 0.69
C LEU A 103 -6.48 2.33 2.20
N GLY A 104 -5.76 3.30 2.72
CA GLY A 104 -5.61 3.33 4.18
C GLY A 104 -4.29 3.72 4.78
N GLY A 105 -3.20 3.13 4.33
CA GLY A 105 -1.88 3.45 4.86
C GLY A 105 -1.55 4.94 4.84
N ASN A 106 -1.86 5.66 3.75
CA ASN A 106 -1.59 7.11 3.64
C ASN A 106 -2.56 7.91 4.52
N THR A 107 -3.72 7.40 4.88
CA THR A 107 -4.56 8.23 5.76
C THR A 107 -3.95 8.12 7.16
N LEU A 108 -3.47 6.95 7.56
CA LEU A 108 -2.83 6.77 8.86
C LEU A 108 -1.58 7.68 8.86
N GLY A 109 -0.90 7.55 7.74
CA GLY A 109 0.31 8.27 7.41
C GLY A 109 1.51 7.41 7.80
N PHE A 110 1.52 6.23 7.18
CA PHE A 110 2.64 5.30 7.45
C PHE A 110 3.91 5.96 6.94
N ASN A 111 3.89 6.75 5.89
CA ASN A 111 5.00 7.52 5.31
C ASN A 111 5.53 8.53 6.33
N ARG A 112 4.64 9.24 7.00
CA ARG A 112 5.00 10.21 8.03
C ARG A 112 5.63 9.52 9.22
N ILE A 113 5.29 8.30 9.50
CA ILE A 113 5.86 7.47 10.57
C ILE A 113 7.28 6.99 10.21
N LEU A 114 7.59 6.73 8.95
CA LEU A 114 8.88 6.29 8.41
C LEU A 114 9.81 7.52 8.41
N LYS A 115 9.31 8.62 7.87
CA LYS A 115 10.10 9.87 7.86
C LYS A 115 10.44 10.34 9.26
N GLN A 116 9.59 10.14 10.25
CA GLN A 116 9.82 10.50 11.65
C GLN A 116 11.01 9.69 12.19
N CYS A 117 10.94 8.42 11.91
CA CYS A 117 11.97 7.49 12.33
C CYS A 117 13.24 7.53 11.48
N SER A 118 13.33 8.37 10.47
CA SER A 118 14.62 8.35 9.72
C SER A 118 15.01 9.65 9.08
N ASP A 119 16.17 10.20 9.48
CA ASP A 119 16.80 11.43 9.05
C ASP A 119 17.12 11.37 7.54
N GLU A 120 17.42 10.15 7.18
CA GLU A 120 17.71 9.82 5.77
C GLU A 120 16.44 10.06 4.95
N LEU A 121 15.31 9.63 5.52
CA LEU A 121 13.99 9.82 4.87
C LEU A 121 13.56 11.25 4.98
N ARG A 122 14.00 12.01 5.95
CA ARG A 122 13.71 13.44 6.11
C ARG A 122 14.34 14.35 5.07
N LYS A 123 15.23 13.86 4.22
CA LYS A 123 15.85 14.60 3.14
C LYS A 123 14.99 14.32 1.90
N PRO A 124 15.09 15.15 0.92
CA PRO A 124 14.30 14.99 -0.30
C PRO A 124 14.24 13.61 -0.90
N SER A 125 13.01 13.14 -1.04
CA SER A 125 12.66 11.84 -1.58
C SER A 125 11.27 11.90 -2.23
N LEU A 126 11.06 10.86 -3.02
CA LEU A 126 9.79 10.62 -3.73
C LEU A 126 8.71 9.95 -2.90
N LEU A 127 8.88 9.95 -1.60
CA LEU A 127 7.99 9.37 -0.62
C LEU A 127 7.32 10.64 -0.05
N PRO A 128 6.03 10.69 -0.32
CA PRO A 128 5.23 11.83 0.11
C PRO A 128 5.08 11.88 1.63
N GLY A 129 4.89 13.12 2.07
CA GLY A 129 4.68 13.28 3.52
C GLY A 129 5.80 14.01 4.24
N ASP A 130 5.46 14.37 5.46
CA ASP A 130 6.35 15.11 6.38
C ASP A 130 6.39 14.36 7.70
N PRO A 131 7.50 14.44 8.42
CA PRO A 131 7.59 13.78 9.73
C PRO A 131 6.38 14.19 10.56
N VAL A 132 6.03 13.43 11.58
CA VAL A 132 4.85 13.94 12.38
C VAL A 132 5.51 15.05 13.21
N ASP A 133 6.36 14.81 14.19
CA ASP A 133 7.04 15.91 14.91
C ASP A 133 8.42 16.16 14.27
N GLY A 134 8.54 17.00 13.28
CA GLY A 134 9.87 17.28 12.68
C GLY A 134 11.05 17.84 13.48
N ASP A 135 10.93 18.16 14.74
CA ASP A 135 11.95 18.71 15.64
C ASP A 135 12.41 17.58 16.57
N GLU A 136 11.42 16.71 16.77
CA GLU A 136 11.75 15.51 17.63
C GLU A 136 12.78 14.85 16.73
N PRO A 137 13.68 14.06 17.28
CA PRO A 137 14.74 13.44 16.50
C PRO A 137 14.57 11.99 16.10
N ALA A 138 14.96 11.79 14.84
CA ALA A 138 14.89 10.49 14.18
C ALA A 138 15.09 9.36 15.17
N ALA A 139 16.30 9.33 15.71
CA ALA A 139 16.73 8.33 16.69
C ALA A 139 15.77 8.09 17.85
N LYS A 140 14.97 9.03 18.30
CA LYS A 140 14.03 8.95 19.40
C LYS A 140 12.63 8.47 19.01
N CYS A 141 12.38 8.32 17.73
CA CYS A 141 11.08 7.89 17.19
C CYS A 141 10.39 6.75 17.90
N GLY A 142 11.05 5.76 18.51
CA GLY A 142 10.24 4.68 19.14
C GLY A 142 9.68 4.98 20.51
N GLU A 143 9.86 6.20 20.96
CA GLU A 143 9.50 6.75 22.25
C GLU A 143 8.36 7.74 22.02
N PHE A 144 8.67 8.50 20.97
CA PHE A 144 7.75 9.52 20.44
C PHE A 144 6.39 8.88 20.13
N PHE A 145 6.40 7.73 19.49
CA PHE A 145 5.17 7.03 19.14
C PHE A 145 4.64 6.16 20.27
N GLY A 146 5.51 5.75 21.18
CA GLY A 146 5.07 4.85 22.25
C GLY A 146 4.69 5.54 23.55
N THR A 147 5.30 6.71 23.72
CA THR A 147 4.99 7.41 25.00
C THR A 147 4.70 8.88 24.88
N GLY A 148 5.29 9.41 23.84
CA GLY A 148 5.21 10.83 23.50
C GLY A 148 3.90 11.23 22.85
N ASP A 149 4.06 12.40 22.21
CA ASP A 149 3.00 13.09 21.45
C ASP A 149 2.50 12.20 20.29
N GLY A 150 3.45 11.43 19.76
CA GLY A 150 3.19 10.49 18.66
C GLY A 150 2.08 9.56 19.10
N LYS A 151 2.23 9.05 20.31
CA LYS A 151 1.18 8.13 20.84
C LYS A 151 -0.20 8.76 20.76
N GLN A 152 -0.48 10.05 20.95
CA GLN A 152 -1.91 10.44 20.85
C GLN A 152 -2.29 10.75 19.40
N TRP A 153 -1.27 11.16 18.68
CA TRP A 153 -1.35 11.49 17.26
C TRP A 153 -1.88 10.27 16.51
N LEU A 154 -1.39 9.10 16.88
CA LEU A 154 -1.77 7.81 16.34
C LEU A 154 -3.22 7.47 16.60
N ASP A 155 -3.69 7.74 17.81
CA ASP A 155 -5.08 7.43 18.19
C ASP A 155 -5.93 8.43 17.39
N ASP A 156 -5.43 9.60 17.08
CA ASP A 156 -6.31 10.48 16.28
C ASP A 156 -6.34 9.95 14.84
N GLN A 157 -5.21 9.53 14.33
CA GLN A 157 -5.12 9.04 12.93
C GLN A 157 -5.98 7.79 12.71
N PHE A 158 -5.96 6.91 13.66
CA PHE A 158 -6.66 5.65 13.69
C PHE A 158 -8.18 5.83 13.75
N GLU A 159 -8.61 6.95 14.30
CA GLU A 159 -10.04 7.27 14.41
C GLU A 159 -10.57 7.82 13.08
N ARG A 160 -9.73 8.58 12.39
CA ARG A 160 -10.07 9.14 11.05
C ARG A 160 -10.07 7.94 10.09
N VAL A 161 -9.11 7.03 10.26
CA VAL A 161 -9.03 5.82 9.43
C VAL A 161 -10.34 5.00 9.49
N GLY A 162 -10.82 4.66 10.66
CA GLY A 162 -12.02 3.91 10.93
C GLY A 162 -13.25 4.55 10.33
N ALA A 163 -13.28 5.87 10.42
CA ALA A 163 -14.45 6.60 9.89
C ALA A 163 -14.45 6.62 8.37
N GLU A 164 -13.33 6.94 7.76
CA GLU A 164 -13.15 7.04 6.31
C GLU A 164 -13.23 5.73 5.53
N LEU A 165 -12.90 4.60 6.12
CA LEU A 165 -12.96 3.27 5.51
C LEU A 165 -14.44 2.90 5.37
N GLU A 166 -15.22 3.25 6.40
CA GLU A 166 -16.67 2.97 6.43
C GLU A 166 -17.31 3.74 5.30
N GLU A 167 -16.92 5.01 5.21
CA GLU A 167 -17.37 5.91 4.16
C GLU A 167 -16.91 5.39 2.81
N LEU A 168 -15.70 4.88 2.65
CA LEU A 168 -15.20 4.32 1.37
C LEU A 168 -16.18 3.20 0.97
N LEU A 169 -16.44 2.31 1.93
CA LEU A 169 -17.33 1.15 1.73
C LEU A 169 -18.74 1.58 1.41
N ASP A 170 -19.19 2.70 1.96
CA ASP A 170 -20.56 3.10 1.63
C ASP A 170 -20.58 3.74 0.26
N ARG A 171 -19.57 4.46 -0.16
CA ARG A 171 -19.67 5.09 -1.49
C ARG A 171 -19.66 4.04 -2.60
N ILE A 172 -18.95 2.96 -2.39
CA ILE A 172 -18.86 1.84 -3.34
C ILE A 172 -20.27 1.28 -3.46
N GLY A 173 -20.87 0.94 -2.34
CA GLY A 173 -22.23 0.42 -2.16
C GLY A 173 -23.28 1.24 -2.89
N TYR A 174 -23.16 2.54 -2.91
CA TYR A 174 -23.95 3.57 -3.53
C TYR A 174 -23.83 3.65 -5.04
N PHE A 175 -22.63 3.65 -5.56
CA PHE A 175 -22.39 3.80 -7.00
C PHE A 175 -22.40 2.51 -7.83
N ALA A 176 -22.04 1.41 -7.21
CA ALA A 176 -21.91 0.06 -7.75
C ALA A 176 -22.57 -0.85 -6.72
N PRO A 177 -23.91 -0.78 -6.70
CA PRO A 177 -24.72 -1.49 -5.73
C PRO A 177 -24.67 -2.99 -5.86
N ASP A 178 -24.17 -3.43 -7.00
CA ASP A 178 -24.12 -4.88 -7.21
C ASP A 178 -22.73 -5.44 -7.11
N ALA A 179 -21.80 -4.58 -6.79
CA ALA A 179 -20.38 -4.93 -6.67
C ALA A 179 -19.99 -5.67 -5.41
N LYS A 180 -19.20 -6.72 -5.56
CA LYS A 180 -18.66 -7.43 -4.39
C LYS A 180 -17.43 -6.52 -4.04
N ARG A 181 -17.26 -6.13 -2.80
CA ARG A 181 -16.17 -5.29 -2.33
C ARG A 181 -15.11 -6.11 -1.63
N VAL A 182 -13.88 -5.91 -2.13
CA VAL A 182 -12.65 -6.55 -1.67
C VAL A 182 -11.64 -5.46 -1.24
N LEU A 183 -11.39 -5.40 0.04
CA LEU A 183 -10.44 -4.46 0.63
C LEU A 183 -9.12 -5.22 0.73
N VAL A 184 -8.01 -4.84 0.13
CA VAL A 184 -6.77 -5.62 0.24
C VAL A 184 -5.89 -5.05 1.34
N GLY A 185 -5.40 -5.93 2.22
CA GLY A 185 -4.54 -5.48 3.32
C GLY A 185 -3.11 -5.34 2.77
N TYR A 186 -2.26 -4.78 3.61
CA TYR A 186 -0.85 -4.55 3.36
C TYR A 186 -0.01 -5.74 3.83
N PRO A 187 1.03 -6.08 3.08
CA PRO A 187 1.95 -7.18 3.46
C PRO A 187 2.71 -6.77 4.71
N ARG A 188 3.14 -7.75 5.47
CA ARG A 188 3.89 -7.50 6.72
C ARG A 188 5.24 -6.95 6.35
N LEU A 189 5.64 -5.82 6.89
CA LEU A 189 6.89 -5.12 6.69
C LEU A 189 8.05 -5.61 7.58
N VAL A 190 7.85 -5.63 8.87
CA VAL A 190 8.76 -6.08 9.94
C VAL A 190 8.37 -7.43 10.53
N PRO A 191 9.26 -8.38 10.67
CA PRO A 191 8.96 -9.68 11.24
C PRO A 191 8.90 -9.70 12.75
N GLU A 192 8.31 -10.78 13.28
CA GLU A 192 8.12 -10.99 14.73
C GLU A 192 9.51 -10.96 15.38
N ASP A 193 10.51 -11.51 14.74
CA ASP A 193 11.90 -11.50 15.17
C ASP A 193 12.68 -10.36 14.48
N THR A 194 12.75 -9.22 15.12
CA THR A 194 13.47 -8.08 14.55
C THR A 194 14.96 -8.22 14.39
N THR A 195 15.54 -9.12 15.14
CA THR A 195 17.02 -9.33 15.06
C THR A 195 17.42 -9.46 13.61
N LYS A 196 16.61 -10.18 12.83
CA LYS A 196 16.80 -10.39 11.40
C LYS A 196 16.99 -9.14 10.57
N CYS A 197 16.57 -7.99 11.05
CA CYS A 197 16.68 -6.72 10.28
C CYS A 197 18.07 -6.13 10.41
N LEU A 198 18.76 -6.64 11.41
CA LEU A 198 20.15 -6.25 11.72
C LEU A 198 21.11 -6.71 10.63
N THR A 199 20.74 -7.57 9.71
CA THR A 199 21.60 -8.03 8.61
C THR A 199 21.16 -7.29 7.37
N ALA A 200 22.03 -7.11 6.41
CA ALA A 200 21.70 -6.45 5.13
C ALA A 200 21.28 -7.64 4.25
N ALA A 201 20.40 -7.47 3.29
CA ALA A 201 19.96 -8.61 2.44
C ALA A 201 21.09 -8.94 1.45
N PRO A 202 21.20 -10.24 1.23
CA PRO A 202 22.21 -10.80 0.33
C PRO A 202 22.32 -9.90 -0.89
N GLY A 203 23.52 -9.28 -0.97
CA GLY A 203 23.72 -8.42 -2.15
C GLY A 203 23.45 -6.96 -1.93
N GLN A 204 22.92 -6.69 -0.75
CA GLN A 204 22.61 -5.30 -0.37
C GLN A 204 23.71 -4.84 0.57
N THR A 205 23.85 -3.54 0.55
CA THR A 205 24.84 -2.85 1.40
C THR A 205 23.99 -2.13 2.46
N GLN A 206 22.76 -1.73 2.07
CA GLN A 206 22.02 -1.05 3.19
C GLN A 206 21.10 -2.09 3.83
N LEU A 207 20.85 -1.71 5.08
CA LEU A 207 19.97 -2.56 5.93
C LEU A 207 18.54 -2.43 5.39
N PRO A 208 17.67 -3.35 5.76
CA PRO A 208 16.25 -3.34 5.29
C PRO A 208 15.60 -1.97 5.52
N PHE A 209 15.71 -1.45 6.73
CA PHE A 209 15.16 -0.17 7.14
C PHE A 209 16.18 0.93 7.40
N ALA A 210 17.23 1.02 6.62
CA ALA A 210 18.27 2.08 6.75
C ALA A 210 18.60 2.47 8.19
N ASP A 211 18.48 3.76 8.48
CA ASP A 211 18.78 4.35 9.78
C ASP A 211 17.75 4.24 10.90
N ILE A 212 16.70 3.53 10.59
CA ILE A 212 15.69 3.45 11.61
C ILE A 212 16.21 2.63 12.80
N PRO A 213 16.16 3.32 13.93
CA PRO A 213 16.53 2.69 15.19
C PRO A 213 15.79 1.38 15.37
N GLN A 214 16.52 0.33 15.55
CA GLN A 214 16.23 -1.07 15.79
C GLN A 214 15.16 -1.39 16.83
N ASP A 215 15.04 -0.43 17.72
CA ASP A 215 14.19 -0.29 18.90
C ASP A 215 12.81 0.19 18.45
N ALA A 216 12.82 0.95 17.38
CA ALA A 216 11.59 1.47 16.78
C ALA A 216 10.94 0.37 15.95
N LEU A 217 11.67 -0.61 15.46
CA LEU A 217 11.23 -1.75 14.63
C LEU A 217 10.01 -2.49 15.15
N PRO A 218 9.94 -2.91 16.39
CA PRO A 218 8.74 -3.57 16.91
C PRO A 218 7.53 -2.68 17.11
N VAL A 219 7.62 -1.38 17.10
CA VAL A 219 6.56 -0.37 17.29
C VAL A 219 5.82 -0.20 15.96
N LEU A 220 6.69 -0.15 14.95
CA LEU A 220 6.31 -0.05 13.55
C LEU A 220 5.42 -1.27 13.23
N ASP A 221 5.81 -2.43 13.71
CA ASP A 221 4.98 -3.64 13.46
C ASP A 221 3.65 -3.64 14.19
N GLN A 222 3.71 -3.11 15.39
CA GLN A 222 2.59 -2.94 16.35
C GLN A 222 1.55 -2.09 15.61
N ILE A 223 1.98 -0.94 15.14
CA ILE A 223 1.25 0.00 14.32
C ILE A 223 0.76 -0.64 13.02
N GLN A 224 1.42 -1.60 12.41
CA GLN A 224 0.94 -2.20 11.17
C GLN A 224 -0.19 -3.18 11.51
N LYS A 225 0.04 -3.88 12.59
CA LYS A 225 -0.94 -4.90 13.09
C LYS A 225 -2.28 -4.21 13.25
N ARG A 226 -2.26 -3.11 13.96
CA ARG A 226 -3.32 -2.19 14.32
C ARG A 226 -4.16 -1.70 13.13
N LEU A 227 -3.41 -1.24 12.15
CA LEU A 227 -3.99 -0.77 10.88
C LEU A 227 -4.64 -2.00 10.26
N ASN A 228 -4.05 -3.16 10.36
CA ASN A 228 -4.59 -4.38 9.81
C ASN A 228 -5.92 -4.67 10.52
N ASP A 229 -5.93 -4.60 11.84
CA ASP A 229 -7.17 -4.87 12.60
C ASP A 229 -8.22 -3.82 12.21
N ALA A 230 -7.83 -2.57 12.02
CA ALA A 230 -8.79 -1.52 11.60
C ALA A 230 -9.40 -1.86 10.24
N MET A 231 -8.58 -2.28 9.29
CA MET A 231 -9.07 -2.64 7.95
C MET A 231 -9.99 -3.86 8.03
N LYS A 232 -9.66 -4.85 8.84
CA LYS A 232 -10.48 -6.07 8.95
C LYS A 232 -11.90 -5.72 9.42
N LYS A 233 -11.97 -4.93 10.46
CA LYS A 233 -13.15 -4.45 11.14
C LYS A 233 -14.05 -3.66 10.20
N ALA A 234 -13.40 -2.69 9.57
CA ALA A 234 -14.09 -1.85 8.59
C ALA A 234 -14.77 -2.71 7.53
N ALA A 235 -14.11 -3.72 7.04
CA ALA A 235 -14.63 -4.61 6.01
C ALA A 235 -15.76 -5.47 6.57
N ALA A 236 -15.51 -6.03 7.74
CA ALA A 236 -16.54 -6.90 8.34
C ALA A 236 -17.81 -6.08 8.53
N ASP A 237 -17.69 -4.95 9.20
CA ASP A 237 -18.85 -4.08 9.41
C ASP A 237 -19.45 -3.49 8.14
N GLY A 238 -18.82 -3.57 7.01
CA GLY A 238 -19.37 -2.93 5.81
C GLY A 238 -19.78 -3.83 4.69
N GLY A 239 -19.69 -5.12 4.95
CA GLY A 239 -20.13 -6.07 3.92
C GLY A 239 -19.10 -6.40 2.88
N ALA A 240 -17.86 -6.02 3.10
CA ALA A 240 -16.74 -6.29 2.19
C ALA A 240 -16.02 -7.57 2.55
N ASP A 241 -15.15 -8.03 1.65
CA ASP A 241 -14.27 -9.20 1.88
C ASP A 241 -12.88 -8.58 2.21
N PHE A 242 -12.01 -9.25 2.93
CA PHE A 242 -10.69 -8.63 3.21
C PHE A 242 -9.64 -9.69 2.89
N VAL A 243 -8.59 -9.25 2.24
CA VAL A 243 -7.44 -10.07 1.86
C VAL A 243 -6.38 -9.65 2.90
N ASP A 244 -6.14 -10.54 3.83
CA ASP A 244 -5.23 -10.36 4.97
C ASP A 244 -3.84 -10.80 4.54
N LEU A 245 -3.14 -9.84 3.94
CA LEU A 245 -1.78 -10.18 3.44
C LEU A 245 -0.83 -10.26 4.62
N TYR A 246 -1.07 -9.47 5.63
CA TYR A 246 -0.21 -9.43 6.83
C TYR A 246 -0.04 -10.78 7.48
N ALA A 247 -1.09 -11.53 7.72
CA ALA A 247 -1.10 -12.86 8.34
C ALA A 247 -0.22 -13.84 7.57
N GLY A 248 -0.05 -13.76 6.27
CA GLY A 248 0.80 -14.71 5.55
C GLY A 248 2.12 -14.24 4.96
N THR A 249 2.68 -13.11 5.34
CA THR A 249 3.93 -12.63 4.77
C THR A 249 4.95 -12.48 5.88
N GLY A 250 4.73 -13.19 6.94
CA GLY A 250 5.50 -13.22 8.17
C GLY A 250 6.93 -13.69 8.01
N ALA A 251 7.25 -14.32 6.91
CA ALA A 251 8.57 -14.80 6.50
C ALA A 251 8.85 -14.25 5.11
N ASN A 252 8.20 -13.18 4.68
CA ASN A 252 8.45 -12.59 3.35
C ASN A 252 8.56 -11.08 3.59
N THR A 253 8.98 -10.74 4.80
CA THR A 253 9.17 -9.33 5.17
C THR A 253 10.40 -8.76 4.50
N ALA A 254 10.70 -7.52 4.82
CA ALA A 254 11.83 -6.74 4.34
C ALA A 254 13.13 -7.28 4.91
N CYS A 255 13.03 -7.96 6.02
CA CYS A 255 14.11 -8.61 6.76
C CYS A 255 14.28 -10.10 6.55
N ASP A 256 13.69 -10.73 5.55
CA ASP A 256 13.83 -12.18 5.29
C ASP A 256 14.82 -12.49 4.18
N GLY A 257 15.81 -11.63 4.08
CA GLY A 257 16.93 -11.71 3.16
C GLY A 257 16.56 -11.83 1.70
N ALA A 258 16.72 -13.03 1.19
CA ALA A 258 16.42 -13.40 -0.19
C ALA A 258 14.98 -13.86 -0.41
N ASP A 259 14.26 -14.08 0.67
CA ASP A 259 12.86 -14.51 0.62
C ASP A 259 11.90 -13.32 0.83
N ARG A 260 12.50 -12.18 0.97
CA ARG A 260 11.93 -10.85 1.18
C ARG A 260 10.97 -10.51 0.04
N GLY A 261 9.84 -9.91 0.36
CA GLY A 261 8.85 -9.55 -0.66
C GLY A 261 8.56 -8.06 -0.66
N ILE A 262 9.32 -7.39 0.19
CA ILE A 262 9.29 -5.95 0.41
C ILE A 262 10.66 -5.39 0.05
N GLY A 263 10.95 -4.58 -0.96
CA GLY A 263 12.29 -4.05 -1.19
C GLY A 263 12.64 -3.11 -0.02
N GLY A 264 13.91 -2.92 0.27
CA GLY A 264 14.34 -2.09 1.41
C GLY A 264 14.02 -0.64 1.23
N LEU A 265 14.07 0.10 2.34
CA LEU A 265 13.80 1.55 2.38
C LEU A 265 14.63 2.28 1.32
N LEU A 266 15.95 2.07 1.33
CA LEU A 266 16.84 2.70 0.33
C LEU A 266 17.30 1.74 -0.75
N GLU A 267 16.79 0.54 -0.83
CA GLU A 267 17.19 -0.42 -1.86
C GLU A 267 16.76 0.09 -3.22
N ASP A 268 17.40 -0.26 -4.30
CA ASP A 268 16.92 0.28 -5.59
C ASP A 268 15.75 -0.47 -6.18
N SER A 269 14.76 0.28 -6.61
CA SER A 269 13.55 -0.29 -7.24
C SER A 269 13.96 -0.49 -8.69
N GLN A 270 13.03 -0.57 -9.61
CA GLN A 270 13.33 -0.77 -11.04
C GLN A 270 13.10 0.55 -11.76
N LEU A 271 12.65 1.48 -10.95
CA LEU A 271 12.32 2.83 -11.40
C LEU A 271 13.57 3.67 -11.64
N GLU A 272 13.72 4.12 -12.86
CA GLU A 272 14.81 4.96 -13.33
C GLU A 272 14.33 6.33 -13.78
N LEU A 273 14.75 7.35 -13.03
CA LEU A 273 14.30 8.68 -13.45
C LEU A 273 15.26 9.32 -14.43
N LEU A 274 16.40 9.85 -14.05
CA LEU A 274 17.22 10.45 -15.20
C LEU A 274 18.21 9.35 -15.54
N GLY A 275 18.97 8.96 -14.56
CA GLY A 275 19.89 7.81 -14.82
C GLY A 275 19.97 7.25 -13.40
N THR A 276 18.78 7.15 -12.82
CA THR A 276 18.86 6.67 -11.44
C THR A 276 17.72 5.73 -11.06
N LYS A 277 18.15 4.81 -10.21
CA LYS A 277 17.18 3.85 -9.67
C LYS A 277 16.57 4.68 -8.50
N ILE A 278 15.26 4.50 -8.37
CA ILE A 278 14.51 5.13 -7.27
C ILE A 278 14.35 3.98 -6.27
N PRO A 279 14.51 4.26 -4.99
CA PRO A 279 14.35 3.23 -3.98
C PRO A 279 12.91 2.67 -3.95
N TRP A 280 12.75 1.51 -3.39
CA TRP A 280 11.54 0.79 -3.16
C TRP A 280 10.77 1.59 -2.09
N TYR A 281 11.46 1.99 -1.03
CA TYR A 281 10.77 2.71 0.04
C TYR A 281 9.76 1.78 0.74
N ALA A 282 10.17 0.54 0.91
CA ALA A 282 9.37 -0.49 1.54
C ALA A 282 8.11 -0.93 0.82
N HIS A 283 8.08 -0.99 -0.51
CA HIS A 283 6.93 -1.44 -1.29
C HIS A 283 7.27 -2.85 -1.77
N PRO A 284 6.26 -3.60 -2.12
CA PRO A 284 6.47 -4.98 -2.61
C PRO A 284 7.34 -4.99 -3.87
N ASN A 285 8.14 -6.04 -3.89
CA ASN A 285 9.09 -6.22 -5.03
C ASN A 285 8.41 -7.26 -5.92
N ASP A 286 9.16 -7.88 -6.79
CA ASP A 286 8.58 -8.88 -7.67
C ASP A 286 7.94 -10.02 -6.90
N LYS A 287 8.67 -10.59 -5.98
CA LYS A 287 8.15 -11.70 -5.18
C LYS A 287 6.92 -11.30 -4.40
N GLY A 288 7.00 -10.14 -3.76
CA GLY A 288 5.94 -9.55 -2.93
C GLY A 288 4.74 -9.32 -3.84
N ARG A 289 4.98 -8.87 -5.06
CA ARG A 289 3.85 -8.65 -5.99
C ARG A 289 3.20 -9.97 -6.41
N ASP A 290 3.90 -11.08 -6.47
CA ASP A 290 3.31 -12.36 -6.86
C ASP A 290 2.48 -12.90 -5.70
N ILE A 291 2.90 -12.63 -4.48
CA ILE A 291 2.14 -13.08 -3.31
C ILE A 291 0.76 -12.40 -3.26
N GLN A 292 0.81 -11.11 -3.51
CA GLN A 292 -0.27 -10.14 -3.55
C GLN A 292 -1.24 -10.69 -4.60
N ALA A 293 -0.67 -10.88 -5.77
CA ALA A 293 -1.46 -11.41 -6.90
C ALA A 293 -2.15 -12.71 -6.57
N LYS A 294 -1.36 -13.67 -6.12
CA LYS A 294 -1.83 -15.00 -5.72
C LYS A 294 -2.96 -14.95 -4.72
N GLN A 295 -2.73 -14.33 -3.58
CA GLN A 295 -3.69 -14.15 -2.49
C GLN A 295 -4.96 -13.45 -2.97
N VAL A 296 -4.89 -12.42 -3.78
CA VAL A 296 -6.06 -11.68 -4.26
C VAL A 296 -6.85 -12.55 -5.22
N ALA A 297 -6.14 -13.12 -6.15
CA ALA A 297 -6.76 -14.04 -7.13
C ALA A 297 -7.42 -15.15 -6.33
N ASP A 298 -6.75 -15.70 -5.34
CA ASP A 298 -7.33 -16.74 -4.51
C ASP A 298 -8.73 -16.26 -4.08
N LYS A 299 -8.83 -15.23 -3.27
CA LYS A 299 -10.00 -14.57 -2.70
C LYS A 299 -11.10 -14.24 -3.69
N ILE A 300 -10.78 -13.71 -4.86
CA ILE A 300 -11.79 -13.43 -5.88
C ILE A 300 -12.47 -14.70 -6.35
N GLU A 301 -11.68 -15.74 -6.51
CA GLU A 301 -12.10 -17.04 -6.95
C GLU A 301 -13.14 -17.59 -5.98
N GLU A 302 -12.73 -17.51 -4.73
CA GLU A 302 -13.56 -17.95 -3.61
C GLU A 302 -14.94 -17.28 -3.57
N ILE A 303 -14.93 -15.98 -3.64
CA ILE A 303 -16.07 -15.09 -3.63
C ILE A 303 -16.96 -15.27 -4.86
N LEU A 304 -16.40 -15.69 -5.98
CA LEU A 304 -17.18 -15.84 -7.22
C LEU A 304 -17.79 -17.22 -7.36
N ASN A 305 -17.68 -18.02 -6.34
CA ASN A 305 -18.12 -19.41 -6.21
C ASN A 305 -18.92 -19.65 -4.94
#